data_1D3Q
#
_entry.id   1D3Q
#
_cell.length_a   71.150
_cell.length_b   71.730
_cell.length_c   73.100
_cell.angle_alpha   90.00
_cell.angle_beta   100.56
_cell.angle_gamma   90.00
#
_symmetry.space_group_name_H-M   'C 1 2 1'
#
loop_
_entity.id
_entity.type
_entity.pdbx_description
1 polymer ALPHA-THROMBIN
2 polymer ALPHA-THROMBIN
3 polymer HIRUGEN
4 non-polymer 2-acetamido-2-deoxy-beta-D-glucopyranose
5 non-polymer 'SODIUM ION'
6 non-polymer '3-[4-(2-PYRROLIDIN-1-YL-ETHOXY)-BENZYL]-2-4-(2-PYRROLIDIN-1-YL-ETHOXY)-PHENYL] -BENZO[B]THIOPHENE'
#
loop_
_entity_poly.entity_id
_entity_poly.type
_entity_poly.pdbx_seq_one_letter_code
_entity_poly.pdbx_strand_id
1 'polypeptide(L)' TFGSGEADCGLRPLFEKKSLEDKTERELLESYIDGR A
2 'polypeptide(L)'
;IVEGSDAEIGMSPWQVMLFRKSPQELLCGASLISDRWVLTAAHCLLYPPWDKNFTENDLLVRIGKHSRTRYERNIEKISM
LEKIYIHPRYNWRENLDRDIALMKLKKPVAFSDYIHPVCLPDRETAASLLQAGYKGRVTGWGNLKETWTANVGKGQPSVL
QVVNLPIVERPVCKDSTRIRITDNMFCAGYKPDEGKRGDACEGDSGGPFVMKSPFNNRWYQMGIVSWGEGCDRDGKYGFY
THVFRLKKWIQKVIDQFGE
;
B
3 'polypeptide(L)' GDFEEIPEE(TYS)LQ H
#
loop_
_chem_comp.id
_chem_comp.type
_chem_comp.name
_chem_comp.formula
BT2 non-polymer '3-[4-(2-PYRROLIDIN-1-YL-ETHOXY)-BENZYL]-2-4-(2-PYRROLIDIN-1-YL-ETHOXY)-PHENYL] -BENZO[B]THIOPHENE' 'C33 H38 N2 O2 S'
NA non-polymer 'SODIUM ION' 'Na 1'
NAG D-saccharide, beta linking 2-acetamido-2-deoxy-beta-D-glucopyranose 'C8 H15 N O6'
#
# COMPACT_ATOMS: atom_id res chain seq x y z
N GLU A 6 8.26 -6.27 -14.30
CA GLU A 6 7.82 -7.68 -14.60
C GLU A 6 7.00 -7.72 -15.88
N ALA A 7 7.11 -8.85 -16.57
CA ALA A 7 6.42 -9.07 -17.83
C ALA A 7 4.90 -8.94 -17.72
N ASP A 8 4.31 -9.68 -16.79
CA ASP A 8 2.87 -9.63 -16.63
C ASP A 8 2.47 -8.88 -15.37
N CYS A 9 3.22 -7.87 -14.98
CA CYS A 9 2.84 -7.13 -13.80
C CYS A 9 1.46 -6.51 -13.94
N GLY A 10 0.81 -6.27 -12.81
CA GLY A 10 -0.48 -5.64 -12.83
C GLY A 10 -1.64 -6.39 -13.44
N LEU A 11 -1.40 -7.59 -13.96
CA LEU A 11 -2.49 -8.37 -14.53
C LEU A 11 -2.80 -9.43 -13.49
N ARG A 12 -4.01 -9.38 -12.96
CA ARG A 12 -4.45 -10.31 -11.92
C ARG A 12 -4.96 -11.65 -12.46
N PRO A 13 -4.35 -12.76 -11.99
CA PRO A 13 -4.75 -14.10 -12.43
C PRO A 13 -6.24 -14.37 -12.40
N LEU A 14 -6.91 -13.96 -11.32
CA LEU A 14 -8.33 -14.23 -11.20
C LEU A 14 -9.26 -13.22 -11.83
N PHE A 15 -8.70 -12.15 -12.42
CA PHE A 15 -9.56 -11.16 -13.05
C PHE A 15 -9.19 -10.82 -14.48
N GLU A 16 -8.09 -10.09 -14.67
CA GLU A 16 -7.67 -9.69 -16.01
C GLU A 16 -7.36 -10.90 -16.90
N LYS A 17 -6.61 -11.85 -16.36
CA LYS A 17 -6.25 -13.04 -17.11
C LYS A 17 -7.45 -13.87 -17.52
N LYS A 18 -8.60 -13.63 -16.88
CA LYS A 18 -9.84 -14.36 -17.17
C LYS A 18 -10.83 -13.42 -17.79
N SER A 19 -10.43 -12.16 -17.92
CA SER A 19 -11.29 -11.12 -18.47
C SER A 19 -12.56 -10.90 -17.68
N LEU A 20 -12.45 -10.99 -16.35
CA LEU A 20 -13.59 -10.76 -15.46
C LEU A 20 -13.25 -9.50 -14.68
N GLU A 21 -14.23 -8.66 -14.41
CA GLU A 21 -13.96 -7.43 -13.66
C GLU A 21 -14.30 -7.61 -12.20
N ASP A 22 -13.75 -6.75 -11.34
CA ASP A 22 -14.07 -6.86 -9.92
C ASP A 22 -15.27 -5.95 -9.61
N LYS A 23 -15.86 -6.18 -8.45
CA LYS A 23 -17.04 -5.46 -8.02
C LYS A 23 -17.08 -3.93 -8.19
N THR A 24 -15.95 -3.26 -8.05
CA THR A 24 -15.90 -1.79 -8.14
C THR A 24 -14.90 -1.11 -9.08
N GLU A 25 -14.14 -1.87 -9.88
CA GLU A 25 -13.17 -1.24 -10.76
C GLU A 25 -13.76 -0.29 -11.83
N ARG A 26 -15.06 -0.41 -12.09
CA ARG A 26 -15.70 0.46 -13.06
C ARG A 26 -15.69 1.87 -12.52
N GLU A 27 -15.82 1.99 -11.21
CA GLU A 27 -15.81 3.28 -10.55
C GLU A 27 -14.52 4.00 -10.89
N LEU A 28 -13.40 3.31 -10.77
CA LEU A 28 -12.12 3.92 -11.08
C LEU A 28 -12.16 4.38 -12.52
N LEU A 29 -12.35 3.42 -13.41
CA LEU A 29 -12.40 3.69 -14.84
C LEU A 29 -13.30 4.84 -15.27
N GLU A 30 -14.50 4.95 -14.69
CA GLU A 30 -15.40 6.03 -15.07
C GLU A 30 -14.94 7.40 -14.59
N SER A 31 -13.95 7.40 -13.70
CA SER A 31 -13.46 8.67 -13.18
C SER A 31 -12.42 9.23 -14.13
N TYR A 32 -11.82 8.34 -14.93
CA TYR A 32 -10.78 8.75 -15.88
C TYR A 32 -11.40 9.34 -17.13
N ILE A 33 -11.64 10.65 -17.09
CA ILE A 33 -12.25 11.38 -18.19
C ILE A 33 -11.37 11.35 -19.45
N ILE B 1 -8.80 0.38 7.15
CA ILE B 1 -9.64 1.14 6.19
C ILE B 1 -10.99 1.54 6.77
N VAL B 2 -11.25 2.84 6.74
CA VAL B 2 -12.49 3.43 7.25
C VAL B 2 -13.51 3.61 6.13
N GLU B 3 -14.72 3.10 6.33
CA GLU B 3 -15.80 3.22 5.34
C GLU B 3 -15.57 2.44 4.03
N GLY B 4 -14.76 1.38 4.08
CA GLY B 4 -14.49 0.59 2.88
C GLY B 4 -15.47 -0.57 2.71
N SER B 5 -14.98 -1.70 2.23
CA SER B 5 -15.82 -2.88 2.06
C SER B 5 -14.87 -4.05 1.88
N ASP B 6 -15.37 -5.28 2.02
CA ASP B 6 -14.54 -6.47 1.92
C ASP B 6 -13.97 -6.68 0.52
N ALA B 7 -12.67 -6.90 0.44
CA ALA B 7 -12.02 -7.12 -0.84
C ALA B 7 -12.45 -8.50 -1.39
N GLU B 8 -12.47 -8.65 -2.71
CA GLU B 8 -12.84 -9.94 -3.32
C GLU B 8 -11.58 -10.83 -3.25
N ILE B 9 -11.77 -12.14 -3.23
CA ILE B 9 -10.62 -13.02 -3.18
C ILE B 9 -9.74 -12.73 -4.40
N GLY B 10 -8.43 -12.64 -4.21
CA GLY B 10 -7.55 -12.37 -5.34
C GLY B 10 -7.64 -11.01 -5.98
N MET B 11 -8.33 -10.07 -5.34
CA MET B 11 -8.50 -8.70 -5.83
C MET B 11 -7.19 -7.88 -5.84
N SER B 12 -6.38 -8.05 -4.79
CA SER B 12 -5.10 -7.35 -4.69
C SER B 12 -4.00 -8.36 -4.43
N PRO B 13 -3.63 -9.13 -5.46
CA PRO B 13 -2.57 -10.15 -5.33
C PRO B 13 -1.24 -9.62 -4.83
N TRP B 14 -1.00 -8.33 -5.06
CA TRP B 14 0.25 -7.70 -4.65
C TRP B 14 0.27 -7.25 -3.19
N GLN B 15 -0.90 -7.20 -2.56
CA GLN B 15 -0.97 -6.79 -1.16
C GLN B 15 -0.10 -7.65 -0.28
N VAL B 16 0.52 -7.00 0.69
CA VAL B 16 1.40 -7.68 1.62
C VAL B 16 1.07 -7.20 3.03
N MET B 17 1.48 -7.96 4.03
CA MET B 17 1.25 -7.63 5.43
C MET B 17 2.58 -7.61 6.16
N LEU B 18 2.85 -6.53 6.89
CA LEU B 18 4.11 -6.40 7.64
C LEU B 18 3.84 -6.93 9.04
N PHE B 19 4.31 -8.15 9.27
CA PHE B 19 4.10 -8.85 10.53
C PHE B 19 5.26 -8.85 11.51
N ARG B 20 4.98 -8.41 12.74
CA ARG B 20 6.00 -8.39 13.78
C ARG B 20 6.17 -9.77 14.40
N LYS B 21 7.43 -10.22 14.49
CA LYS B 21 7.78 -11.51 15.06
C LYS B 21 7.25 -11.61 16.50
N SER B 22 7.83 -10.83 17.41
CA SER B 22 7.37 -10.84 18.79
C SER B 22 7.25 -9.43 19.37
N PRO B 23 6.04 -9.07 19.81
CA PRO B 23 4.85 -9.91 19.76
C PRO B 23 4.26 -10.02 18.35
N GLN B 24 3.72 -11.19 18.00
CA GLN B 24 3.12 -11.41 16.68
C GLN B 24 2.03 -10.35 16.47
N GLU B 25 2.25 -9.39 15.56
CA GLU B 25 1.22 -8.34 15.31
C GLU B 25 1.35 -7.62 13.96
N LEU B 26 0.26 -6.99 13.54
CA LEU B 26 0.23 -6.28 12.26
C LEU B 26 0.90 -4.93 12.37
N LEU B 27 1.97 -4.73 11.60
CA LEU B 27 2.69 -3.48 11.67
C LEU B 27 2.27 -2.50 10.61
N CYS B 28 2.28 -2.95 9.36
CA CYS B 28 1.96 -2.08 8.24
C CYS B 28 1.55 -2.90 7.03
N GLY B 29 1.18 -2.18 5.97
CA GLY B 29 0.85 -2.83 4.72
C GLY B 29 2.08 -2.64 3.84
N ALA B 30 2.10 -3.30 2.70
CA ALA B 30 3.22 -3.20 1.78
C ALA B 30 2.75 -3.75 0.46
N SER B 31 3.61 -3.76 -0.54
CA SER B 31 3.21 -4.27 -1.84
C SER B 31 4.34 -5.02 -2.48
N LEU B 32 4.00 -6.04 -3.26
CA LEU B 32 4.98 -6.86 -3.93
C LEU B 32 5.22 -6.32 -5.35
N ILE B 33 6.44 -5.89 -5.64
CA ILE B 33 6.74 -5.33 -6.95
C ILE B 33 7.47 -6.27 -7.92
N SER B 34 8.08 -7.32 -7.38
CA SER B 34 8.78 -8.33 -8.16
C SER B 34 8.78 -9.61 -7.32
N ASP B 35 9.59 -10.61 -7.66
CA ASP B 35 9.59 -11.83 -6.87
C ASP B 35 10.53 -11.74 -5.68
N ARG B 36 11.28 -10.66 -5.57
CA ARG B 36 12.19 -10.52 -4.45
C ARG B 36 12.20 -9.16 -3.78
N TRP B 37 11.29 -8.28 -4.17
CA TRP B 37 11.19 -6.93 -3.61
C TRP B 37 9.82 -6.53 -3.14
N VAL B 38 9.77 -6.00 -1.93
CA VAL B 38 8.52 -5.55 -1.35
C VAL B 38 8.68 -4.05 -1.18
N LEU B 39 7.61 -3.30 -1.45
CA LEU B 39 7.67 -1.85 -1.31
C LEU B 39 6.76 -1.29 -0.21
N THR B 40 7.34 -0.56 0.72
CA THR B 40 6.57 0.00 1.79
C THR B 40 7.00 1.42 2.19
N ALA B 41 6.28 2.01 3.13
CA ALA B 41 6.60 3.34 3.63
C ALA B 41 7.73 3.19 4.64
N ALA B 42 8.64 4.16 4.65
CA ALA B 42 9.77 4.13 5.58
C ALA B 42 9.35 4.26 7.05
N HIS B 43 8.39 5.14 7.31
CA HIS B 43 7.93 5.35 8.68
C HIS B 43 7.43 4.07 9.33
N CYS B 44 7.34 3.00 8.55
CA CYS B 44 6.89 1.72 9.09
C CYS B 44 8.04 1.02 9.77
N LEU B 45 9.25 1.27 9.25
CA LEU B 45 10.45 0.65 9.79
C LEU B 45 11.23 1.56 10.72
N LEU B 46 11.13 2.86 10.50
CA LEU B 46 11.87 3.80 11.32
C LEU B 46 11.09 5.07 11.58
N TYR B 47 10.93 5.38 12.86
CA TYR B 47 10.27 6.59 13.27
C TYR B 47 10.65 6.85 14.70
N PRO B 48 11.83 7.49 14.92
CA PRO B 48 12.36 7.82 16.25
C PRO B 48 11.33 8.42 17.20
N PRO B 49 10.55 9.39 16.72
CA PRO B 49 9.56 9.95 17.65
C PRO B 49 8.80 8.88 18.43
N TRP B 50 8.41 7.79 17.75
CA TRP B 50 7.65 6.72 18.40
C TRP B 50 8.48 5.52 18.75
N ASP B 51 9.77 5.73 18.97
CA ASP B 51 10.68 4.64 19.33
C ASP B 51 10.59 3.41 18.44
N LYS B 52 10.36 3.65 17.16
CA LYS B 52 10.25 2.58 16.19
C LYS B 52 11.51 2.53 15.36
N ASN B 53 12.14 1.36 15.34
CA ASN B 53 13.37 1.16 14.58
C ASN B 53 13.67 -0.33 14.43
N PHE B 54 12.92 -0.98 13.56
CA PHE B 54 13.03 -2.40 13.30
C PHE B 54 14.14 -2.80 12.33
N THR B 55 14.59 -4.05 12.45
CA THR B 55 15.63 -4.58 11.57
C THR B 55 15.14 -5.84 10.84
N GLU B 56 15.92 -6.29 9.87
CA GLU B 56 15.57 -7.49 9.10
C GLU B 56 15.12 -8.64 9.99
N ASN B 57 15.85 -8.90 11.06
CA ASN B 57 15.52 -10.01 11.94
C ASN B 57 14.30 -9.75 12.81
N ASP B 58 13.72 -8.56 12.73
CA ASP B 58 12.56 -8.22 13.56
C ASP B 58 11.21 -8.54 12.98
N LEU B 59 11.13 -8.68 11.67
CA LEU B 59 9.83 -8.96 11.09
C LEU B 59 9.75 -9.96 9.95
N LEU B 60 8.50 -10.25 9.59
CA LEU B 60 8.16 -11.19 8.53
C LEU B 60 7.24 -10.53 7.52
N VAL B 61 7.34 -10.97 6.27
CA VAL B 61 6.53 -10.45 5.20
C VAL B 61 5.57 -11.57 4.81
N ARG B 62 4.28 -11.36 5.02
CA ARG B 62 3.26 -12.36 4.68
C ARG B 62 2.50 -11.95 3.43
N ILE B 63 2.68 -12.74 2.37
CA ILE B 63 2.07 -12.50 1.07
C ILE B 63 0.93 -13.47 0.75
N GLY B 64 -0.06 -13.01 -0.01
CA GLY B 64 -1.17 -13.87 -0.40
C GLY B 64 -2.34 -13.96 0.55
N LYS B 65 -2.37 -13.13 1.59
CA LYS B 65 -3.44 -13.18 2.57
C LYS B 65 -4.74 -12.52 2.18
N HIS B 66 -5.81 -12.91 2.87
CA HIS B 66 -7.13 -12.34 2.68
C HIS B 66 -7.66 -12.10 4.08
N SER B 67 -7.54 -13.12 4.92
CA SER B 67 -7.99 -13.00 6.31
C SER B 67 -6.88 -12.28 7.07
N ARG B 68 -7.27 -11.43 8.01
CA ARG B 68 -6.29 -10.68 8.80
C ARG B 68 -5.52 -11.54 9.79
N THR B 69 -6.25 -12.20 10.67
CA THR B 69 -5.63 -13.00 11.73
C THR B 69 -5.28 -14.48 11.48
N ARG B 70 -6.00 -15.14 10.58
CA ARG B 70 -5.75 -16.56 10.30
C ARG B 70 -4.51 -16.90 9.51
N TYR B 71 -3.83 -17.99 9.88
CA TYR B 71 -2.68 -18.44 9.11
C TYR B 71 -3.29 -19.23 7.96
N GLU B 72 -3.42 -18.58 6.79
CA GLU B 72 -4.05 -19.19 5.63
C GLU B 72 -3.24 -20.22 4.86
N ARG B 73 -3.22 -21.42 5.45
CA ARG B 73 -2.54 -22.62 4.98
C ARG B 73 -2.77 -22.93 3.50
N ASN B 74 -1.66 -23.16 2.80
CA ASN B 74 -1.64 -23.52 1.38
C ASN B 74 -1.86 -22.37 0.43
N ILE B 75 -2.20 -21.20 0.97
CA ILE B 75 -2.45 -20.01 0.18
C ILE B 75 -1.39 -18.93 0.37
N GLU B 76 -1.28 -18.42 1.59
CA GLU B 76 -0.29 -17.39 1.91
C GLU B 76 1.13 -17.95 2.07
N LYS B 77 2.13 -17.11 1.82
CA LYS B 77 3.54 -17.48 1.95
C LYS B 77 4.21 -16.43 2.81
N ILE B 78 4.91 -16.87 3.84
CA ILE B 78 5.61 -16.00 4.77
C ILE B 78 7.08 -15.93 4.38
N SER B 79 7.63 -14.72 4.29
CA SER B 79 9.02 -14.59 3.91
C SER B 79 9.87 -13.87 4.94
N MET B 80 11.16 -14.10 4.85
CA MET B 80 12.09 -13.45 5.76
C MET B 80 12.80 -12.40 4.93
N LEU B 81 13.30 -11.36 5.59
CA LEU B 81 13.94 -10.27 4.88
C LEU B 81 15.43 -10.39 4.92
N GLU B 82 16.06 -10.10 3.81
CA GLU B 82 17.50 -10.16 3.73
C GLU B 82 18.11 -8.79 3.99
N LYS B 83 17.48 -7.74 3.46
CA LYS B 83 17.98 -6.38 3.64
C LYS B 83 16.90 -5.31 3.47
N ILE B 84 16.85 -4.39 4.43
CA ILE B 84 15.90 -3.27 4.39
C ILE B 84 16.62 -2.03 3.85
N TYR B 85 15.99 -1.27 2.96
CA TYR B 85 16.61 -0.05 2.46
C TYR B 85 15.65 1.10 2.64
N ILE B 86 16.07 2.11 3.40
CA ILE B 86 15.25 3.29 3.60
C ILE B 86 15.84 4.41 2.77
N HIS B 87 14.99 5.30 2.26
CA HIS B 87 15.49 6.40 1.45
C HIS B 87 16.44 7.27 2.25
N PRO B 88 17.68 7.45 1.75
CA PRO B 88 18.70 8.26 2.41
C PRO B 88 18.26 9.69 2.73
N ARG B 89 17.12 10.11 2.22
CA ARG B 89 16.66 11.46 2.49
C ARG B 89 15.20 11.49 2.96
N TYR B 90 14.90 10.58 3.87
CA TYR B 90 13.57 10.45 4.46
C TYR B 90 13.53 11.46 5.59
N ASN B 91 12.66 12.47 5.45
CA ASN B 91 12.52 13.51 6.46
C ASN B 91 11.54 13.15 7.55
N TRP B 92 11.96 12.32 8.50
CA TRP B 92 11.07 11.94 9.57
C TRP B 92 10.93 13.02 10.64
N ARG B 93 11.87 13.95 10.68
CA ARG B 93 11.81 15.02 11.68
C ARG B 93 10.77 16.06 11.37
N GLU B 94 10.46 16.23 10.10
CA GLU B 94 9.48 17.23 9.78
C GLU B 94 8.18 16.77 9.17
N ASN B 95 8.18 16.40 7.89
CA ASN B 95 6.94 16.02 7.23
C ASN B 95 6.90 14.65 6.56
N LEU B 96 7.79 13.76 6.95
CA LEU B 96 7.84 12.44 6.35
C LEU B 96 8.15 12.51 4.86
N ASP B 97 8.79 13.58 4.41
CA ASP B 97 9.14 13.71 3.00
C ASP B 97 9.95 12.46 2.65
N ARG B 98 9.62 11.86 1.51
CA ARG B 98 10.28 10.65 1.02
C ARG B 98 10.05 9.42 1.92
N ASP B 99 8.79 9.19 2.27
CA ASP B 99 8.37 8.06 3.10
C ASP B 99 8.29 6.80 2.21
N ILE B 100 9.44 6.16 1.99
CA ILE B 100 9.51 4.99 1.13
C ILE B 100 10.67 4.08 1.54
N ALA B 101 10.46 2.77 1.38
CA ALA B 101 11.48 1.81 1.74
C ALA B 101 11.29 0.56 0.92
N LEU B 102 12.39 -0.13 0.69
CA LEU B 102 12.40 -1.38 -0.08
C LEU B 102 12.87 -2.52 0.82
N MET B 103 12.31 -3.70 0.61
CA MET B 103 12.72 -4.86 1.38
C MET B 103 13.02 -5.97 0.39
N LYS B 104 14.17 -6.63 0.57
CA LYS B 104 14.58 -7.71 -0.30
C LYS B 104 14.40 -9.03 0.40
N LEU B 105 13.48 -9.85 -0.10
CA LEU B 105 13.21 -11.13 0.51
C LEU B 105 14.45 -11.99 0.41
N LYS B 106 14.57 -12.93 1.33
CA LYS B 106 15.70 -13.85 1.36
C LYS B 106 15.66 -14.78 0.16
N LYS B 107 14.48 -15.29 -0.13
CA LYS B 107 14.28 -16.17 -1.27
C LYS B 107 13.03 -15.71 -1.97
N PRO B 108 13.06 -15.73 -3.31
CA PRO B 108 11.94 -15.33 -4.17
C PRO B 108 10.67 -16.05 -3.75
N VAL B 109 9.53 -15.44 -3.99
CA VAL B 109 8.27 -16.04 -3.65
C VAL B 109 7.72 -16.48 -4.99
N ALA B 110 6.91 -17.54 -5.01
CA ALA B 110 6.35 -18.01 -6.27
C ALA B 110 4.96 -17.46 -6.44
N PHE B 111 4.65 -16.93 -7.62
CA PHE B 111 3.34 -16.37 -7.87
C PHE B 111 2.31 -17.46 -7.97
N SER B 112 1.06 -17.09 -7.73
CA SER B 112 -0.05 -18.02 -7.80
C SER B 112 -1.28 -17.21 -8.19
N ASP B 113 -2.46 -17.73 -7.89
CA ASP B 113 -3.67 -17.01 -8.23
C ASP B 113 -3.86 -15.88 -7.24
N TYR B 114 -3.16 -15.97 -6.10
CA TYR B 114 -3.29 -14.98 -5.03
C TYR B 114 -2.06 -14.11 -4.77
N ILE B 115 -0.98 -14.40 -5.46
CA ILE B 115 0.27 -13.65 -5.30
C ILE B 115 0.75 -13.17 -6.66
N HIS B 116 0.70 -11.86 -6.89
CA HIS B 116 1.10 -11.30 -8.16
C HIS B 116 1.62 -9.87 -8.00
N PRO B 117 2.71 -9.52 -8.70
CA PRO B 117 3.25 -8.17 -8.58
C PRO B 117 2.51 -7.07 -9.31
N VAL B 118 2.53 -5.87 -8.73
CA VAL B 118 1.89 -4.70 -9.28
C VAL B 118 2.97 -3.97 -10.08
N CYS B 119 2.55 -3.17 -11.06
CA CYS B 119 3.50 -2.44 -11.90
C CYS B 119 3.96 -1.12 -11.27
N LEU B 120 5.16 -0.66 -11.64
CA LEU B 120 5.63 0.62 -11.16
C LEU B 120 5.28 1.54 -12.31
N PRO B 121 4.96 2.80 -12.03
CA PRO B 121 4.61 3.61 -13.20
C PRO B 121 5.78 4.21 -13.99
N ASP B 122 5.50 4.54 -15.24
CA ASP B 122 6.46 5.17 -16.12
C ASP B 122 5.94 6.60 -16.18
N ARG B 123 6.78 7.54 -16.60
CA ARG B 123 6.37 8.95 -16.69
C ARG B 123 5.00 9.20 -17.31
N GLU B 124 4.76 8.61 -18.47
CA GLU B 124 3.50 8.81 -19.16
C GLU B 124 2.30 8.40 -18.33
N THR B 125 2.33 7.18 -17.81
CA THR B 125 1.22 6.67 -17.02
C THR B 125 0.99 7.55 -15.81
N ALA B 126 2.06 8.12 -15.28
CA ALA B 126 1.90 9.00 -14.13
C ALA B 126 1.40 10.34 -14.63
N ALA B 127 1.90 10.77 -15.78
CA ALA B 127 1.47 12.03 -16.32
C ALA B 127 -0.01 11.98 -16.60
N SER B 128 -0.45 10.91 -17.23
CA SER B 128 -1.84 10.76 -17.60
C SER B 128 -2.85 10.48 -16.51
N LEU B 129 -2.48 9.64 -15.55
CA LEU B 129 -3.41 9.24 -14.49
C LEU B 129 -3.47 10.09 -13.24
N LEU B 130 -2.33 10.60 -12.79
CA LEU B 130 -2.33 11.41 -11.58
C LEU B 130 -3.04 12.76 -11.80
N GLN B 131 -4.36 12.74 -11.78
CA GLN B 131 -5.15 13.95 -11.98
C GLN B 131 -6.27 14.06 -10.98
N ALA B 132 -6.43 15.27 -10.45
CA ALA B 132 -7.45 15.55 -9.46
C ALA B 132 -8.78 15.03 -9.95
N GLY B 133 -9.49 14.29 -9.10
CA GLY B 133 -10.77 13.75 -9.48
C GLY B 133 -10.69 12.30 -9.90
N TYR B 134 -9.51 11.89 -10.38
CA TYR B 134 -9.28 10.51 -10.80
C TYR B 134 -9.17 9.65 -9.55
N LYS B 135 -9.95 8.59 -9.50
CA LYS B 135 -9.94 7.75 -8.32
C LYS B 135 -8.91 6.63 -8.30
N GLY B 136 -8.36 6.42 -7.11
CA GLY B 136 -7.40 5.38 -6.90
C GLY B 136 -8.06 4.42 -5.92
N ARG B 137 -7.37 3.36 -5.57
CA ARG B 137 -7.92 2.38 -4.66
C ARG B 137 -6.92 2.03 -3.58
N VAL B 138 -7.36 2.02 -2.33
CA VAL B 138 -6.48 1.71 -1.21
C VAL B 138 -6.96 0.43 -0.54
N THR B 139 -6.02 -0.36 -0.03
CA THR B 139 -6.39 -1.60 0.61
C THR B 139 -5.63 -1.87 1.90
N GLY B 140 -6.27 -2.61 2.81
CA GLY B 140 -5.62 -2.91 4.06
C GLY B 140 -6.44 -3.61 5.11
N TRP B 141 -5.75 -4.00 6.18
CA TRP B 141 -6.33 -4.70 7.31
C TRP B 141 -6.30 -3.78 8.53
N GLY B 142 -6.10 -2.48 8.28
CA GLY B 142 -6.02 -1.50 9.34
C GLY B 142 -7.37 -1.26 9.98
N ASN B 143 -7.38 -0.48 11.07
CA ASN B 143 -8.59 -0.16 11.82
C ASN B 143 -9.75 0.34 10.96
N LEU B 144 -10.97 0.00 11.35
CA LEU B 144 -12.14 0.43 10.60
C LEU B 144 -12.63 1.81 11.01
N LYS B 145 -12.09 2.34 12.09
CA LYS B 145 -12.49 3.67 12.54
C LYS B 145 -11.38 4.30 13.37
N GLU B 146 -11.23 5.63 13.29
CA GLU B 146 -10.18 6.32 14.03
C GLU B 146 -10.06 5.87 15.48
N THR B 147 -11.19 5.55 16.10
CA THR B 147 -11.17 5.13 17.49
C THR B 147 -12.52 4.51 17.87
N GLY B 155 -13.60 -3.23 15.47
CA GLY B 155 -12.47 -2.30 15.40
C GLY B 155 -11.47 -2.69 14.32
N GLN B 156 -11.24 -4.01 14.23
CA GLN B 156 -10.36 -4.55 13.20
C GLN B 156 -11.25 -5.37 12.25
N PRO B 157 -10.96 -5.34 10.93
CA PRO B 157 -11.84 -6.13 10.04
C PRO B 157 -11.43 -7.60 10.04
N SER B 158 -12.27 -8.46 9.48
CA SER B 158 -11.93 -9.86 9.42
C SER B 158 -11.10 -10.15 8.18
N VAL B 159 -11.38 -9.44 7.10
CA VAL B 159 -10.65 -9.67 5.87
C VAL B 159 -10.21 -8.35 5.24
N LEU B 160 -9.27 -8.43 4.30
CA LEU B 160 -8.77 -7.23 3.64
C LEU B 160 -9.89 -6.28 3.20
N GLN B 161 -9.74 -5.02 3.57
CA GLN B 161 -10.71 -3.99 3.22
C GLN B 161 -10.21 -3.27 1.97
N VAL B 162 -11.14 -2.60 1.27
CA VAL B 162 -10.83 -1.87 0.06
C VAL B 162 -11.72 -0.63 0.01
N VAL B 163 -11.19 0.45 -0.55
CA VAL B 163 -11.93 1.69 -0.70
C VAL B 163 -11.34 2.45 -1.88
N ASN B 164 -12.22 3.03 -2.70
CA ASN B 164 -11.80 3.79 -3.86
C ASN B 164 -11.89 5.28 -3.56
N LEU B 165 -10.78 6.01 -3.65
CA LEU B 165 -10.77 7.45 -3.39
C LEU B 165 -10.28 8.28 -4.56
N PRO B 166 -10.78 9.53 -4.69
CA PRO B 166 -10.34 10.38 -5.79
C PRO B 166 -9.12 11.19 -5.35
N ILE B 167 -8.30 11.59 -6.31
CA ILE B 167 -7.12 12.39 -6.02
C ILE B 167 -7.56 13.85 -5.88
N VAL B 168 -6.94 14.56 -4.96
CA VAL B 168 -7.32 15.94 -4.71
C VAL B 168 -6.35 17.04 -5.17
N GLU B 169 -6.93 18.16 -5.61
CA GLU B 169 -6.19 19.34 -6.07
C GLU B 169 -5.12 19.72 -5.06
N ARG B 170 -3.89 19.96 -5.52
CA ARG B 170 -2.80 20.31 -4.62
C ARG B 170 -3.10 21.48 -3.68
N PRO B 171 -3.69 22.58 -4.20
CA PRO B 171 -4.00 23.70 -3.33
C PRO B 171 -4.88 23.26 -2.15
N VAL B 172 -5.93 22.50 -2.46
CA VAL B 172 -6.87 21.96 -1.47
C VAL B 172 -6.18 21.18 -0.34
N CYS B 173 -5.20 20.35 -0.71
CA CYS B 173 -4.44 19.54 0.25
C CYS B 173 -3.70 20.43 1.23
N LYS B 174 -2.92 21.38 0.67
CA LYS B 174 -2.11 22.35 1.40
C LYS B 174 -2.87 23.15 2.45
N ASP B 175 -4.04 23.62 2.05
CA ASP B 175 -4.91 24.43 2.91
C ASP B 175 -5.62 23.66 4.01
N SER B 176 -5.53 22.33 3.99
CA SER B 176 -6.18 21.49 4.98
C SER B 176 -5.26 21.09 6.12
N THR B 177 -3.96 21.36 5.95
CA THR B 177 -2.99 21.02 6.97
C THR B 177 -2.05 22.16 7.29
N ARG B 178 -1.32 22.00 8.39
CA ARG B 178 -0.35 22.99 8.84
C ARG B 178 0.99 22.51 8.38
N ILE B 179 1.10 21.20 8.24
CA ILE B 179 2.32 20.57 7.79
C ILE B 179 2.67 21.07 6.40
N ARG B 180 3.95 21.28 6.17
CA ARG B 180 4.41 21.76 4.88
C ARG B 180 4.46 20.56 3.92
N ILE B 181 3.61 20.53 2.90
CA ILE B 181 3.65 19.39 2.00
C ILE B 181 4.65 19.61 0.85
N THR B 182 5.25 18.54 0.35
CA THR B 182 6.23 18.64 -0.72
C THR B 182 5.72 18.01 -2.00
N ASP B 183 6.53 18.12 -3.07
CA ASP B 183 6.19 17.60 -4.39
C ASP B 183 6.15 16.10 -4.40
N ASN B 184 6.86 15.49 -3.46
CA ASN B 184 6.94 14.04 -3.32
C ASN B 184 5.73 13.41 -2.64
N MET B 185 4.71 14.23 -2.35
CA MET B 185 3.48 13.73 -1.73
C MET B 185 2.27 14.24 -2.48
N PHE B 186 1.15 13.57 -2.27
CA PHE B 186 -0.11 13.96 -2.86
C PHE B 186 -1.12 13.42 -1.87
N CYS B 187 -2.26 14.10 -1.77
CA CYS B 187 -3.28 13.68 -0.85
C CYS B 187 -4.47 13.21 -1.64
N ALA B 188 -5.30 12.39 -1.02
CA ALA B 188 -6.47 11.84 -1.68
C ALA B 188 -7.61 11.83 -0.70
N GLY B 189 -8.83 11.72 -1.21
CA GLY B 189 -9.97 11.70 -0.32
C GLY B 189 -11.15 12.48 -0.81
N TYR B 190 -12.27 12.33 -0.11
CA TYR B 190 -13.48 13.03 -0.49
C TYR B 190 -13.58 14.33 0.29
N LYS B 191 -14.30 15.29 -0.29
CA LYS B 191 -14.49 16.59 0.35
C LYS B 191 -15.76 16.49 1.21
N PRO B 192 -15.87 17.33 2.26
CA PRO B 192 -17.03 17.33 3.16
C PRO B 192 -18.38 17.44 2.48
N ASP B 193 -18.39 17.94 1.24
CA ASP B 193 -19.64 18.12 0.52
C ASP B 193 -20.00 16.97 -0.39
N GLU B 194 -19.01 16.29 -0.96
CA GLU B 194 -19.23 15.18 -1.88
C GLU B 194 -20.13 14.05 -1.38
N GLY B 195 -20.45 14.04 -0.09
CA GLY B 195 -21.33 13.00 0.45
C GLY B 195 -20.90 11.55 0.36
N LYS B 196 -19.59 11.31 0.40
CA LYS B 196 -19.03 9.96 0.34
C LYS B 196 -17.78 10.07 1.20
N ARG B 197 -17.48 9.03 1.97
CA ARG B 197 -16.30 9.05 2.85
C ARG B 197 -15.36 7.89 2.57
N GLY B 198 -14.35 7.73 3.41
CA GLY B 198 -13.39 6.66 3.24
C GLY B 198 -12.00 7.16 3.49
N ASP B 199 -11.15 6.31 4.05
CA ASP B 199 -9.79 6.73 4.34
C ASP B 199 -9.02 5.54 4.88
N ALA B 200 -7.70 5.67 4.91
CA ALA B 200 -6.85 4.63 5.44
C ALA B 200 -6.97 4.84 6.95
N CYS B 201 -6.08 4.22 7.70
CA CYS B 201 -6.09 4.34 9.15
C CYS B 201 -5.00 3.42 9.69
N GLU B 202 -4.72 3.57 10.97
CA GLU B 202 -3.70 2.78 11.64
C GLU B 202 -3.64 1.35 11.10
N GLY B 203 -2.42 0.90 10.79
CA GLY B 203 -2.24 -0.45 10.29
C GLY B 203 -2.39 -0.58 8.78
N ASP B 204 -2.75 0.51 8.11
CA ASP B 204 -2.95 0.53 6.66
C ASP B 204 -1.73 1.14 5.99
N SER B 205 -1.17 2.12 6.66
CA SER B 205 -0.01 2.84 6.18
C SER B 205 0.99 1.84 5.63
N GLY B 206 1.73 2.28 4.62
CA GLY B 206 2.72 1.43 3.99
C GLY B 206 2.08 0.72 2.82
N GLY B 207 0.75 0.75 2.76
CA GLY B 207 0.05 0.09 1.68
C GLY B 207 0.06 0.81 0.34
N PRO B 208 -0.32 0.10 -0.72
CA PRO B 208 -0.37 0.60 -2.10
C PRO B 208 -1.65 1.32 -2.46
N PHE B 209 -1.49 2.43 -3.17
CA PHE B 209 -2.55 3.20 -3.69
C PHE B 209 -2.40 3.02 -5.15
N VAL B 210 -3.24 2.18 -5.72
CA VAL B 210 -3.14 1.82 -7.15
C VAL B 210 -4.20 2.40 -8.06
N MET B 211 -3.96 2.28 -9.36
CA MET B 211 -4.88 2.78 -10.38
C MET B 211 -4.76 1.80 -11.53
N LYS B 212 -5.85 1.58 -12.25
CA LYS B 212 -5.85 0.69 -13.38
C LYS B 212 -5.73 1.52 -14.65
N SER B 213 -4.72 1.27 -15.46
CA SER B 213 -4.54 2.04 -16.68
C SER B 213 -5.58 1.77 -17.75
N PRO B 214 -6.31 2.80 -18.16
CA PRO B 214 -7.30 2.54 -19.20
C PRO B 214 -6.65 2.30 -20.56
N PHE B 215 -5.33 2.39 -20.62
CA PHE B 215 -4.61 2.20 -21.87
C PHE B 215 -4.13 0.79 -22.12
N ASN B 216 -3.55 0.17 -21.08
CA ASN B 216 -3.05 -1.18 -21.20
C ASN B 216 -3.70 -2.18 -20.24
N ASN B 217 -4.71 -1.73 -19.51
CA ASN B 217 -5.45 -2.58 -18.57
C ASN B 217 -4.70 -3.07 -17.34
N ARG B 218 -3.52 -2.52 -17.10
CA ARG B 218 -2.72 -2.94 -15.96
C ARG B 218 -2.91 -2.06 -14.73
N TRP B 219 -2.54 -2.59 -13.57
CA TRP B 219 -2.65 -1.87 -12.33
C TRP B 219 -1.28 -1.33 -12.01
N TYR B 220 -1.23 -0.07 -11.62
CA TYR B 220 0.03 0.59 -11.28
C TYR B 220 -0.09 1.17 -9.88
N GLN B 221 0.98 1.07 -9.10
CA GLN B 221 0.91 1.65 -7.76
C GLN B 221 1.33 3.10 -7.95
N MET B 222 0.43 4.03 -7.70
CA MET B 222 0.76 5.42 -7.87
C MET B 222 1.22 6.03 -6.56
N GLY B 223 0.85 5.40 -5.45
CA GLY B 223 1.27 5.95 -4.16
C GLY B 223 1.43 4.94 -3.08
N ILE B 224 1.92 5.39 -1.92
CA ILE B 224 2.12 4.59 -0.73
C ILE B 224 1.43 5.33 0.40
N VAL B 225 0.60 4.66 1.18
CA VAL B 225 -0.07 5.34 2.29
C VAL B 225 1.02 5.87 3.20
N SER B 226 1.08 7.18 3.38
CA SER B 226 2.12 7.75 4.23
C SER B 226 1.63 8.30 5.55
N TRP B 227 0.89 9.40 5.52
CA TRP B 227 0.40 9.98 6.77
C TRP B 227 -0.94 10.70 6.68
N GLY B 228 -1.61 10.81 7.81
CA GLY B 228 -2.88 11.50 7.86
C GLY B 228 -3.01 12.09 9.23
N GLU B 229 -4.01 12.91 9.45
CA GLU B 229 -4.19 13.47 10.79
C GLU B 229 -5.54 12.97 11.25
N GLY B 230 -5.55 11.76 11.82
CA GLY B 230 -6.79 11.17 12.24
C GLY B 230 -7.21 10.25 11.10
N CYS B 231 -8.44 9.75 11.15
CA CYS B 231 -8.94 8.85 10.11
C CYS B 231 -10.31 9.27 9.63
N ASP B 232 -10.46 9.47 8.33
CA ASP B 232 -11.75 9.86 7.77
C ASP B 232 -12.36 11.08 8.50
N ARG B 233 -11.57 12.14 8.66
CA ARG B 233 -12.04 13.37 9.32
C ARG B 233 -12.51 14.32 8.21
N ASP B 234 -13.64 14.99 8.42
CA ASP B 234 -14.13 15.94 7.42
C ASP B 234 -13.05 17.03 7.17
N GLY B 235 -12.92 17.47 5.91
CA GLY B 235 -11.97 18.51 5.58
C GLY B 235 -10.52 18.15 5.81
N LYS B 236 -10.25 16.85 5.88
CA LYS B 236 -8.90 16.37 6.06
C LYS B 236 -8.67 15.27 5.01
N TYR B 237 -7.41 15.04 4.67
CA TYR B 237 -7.12 14.03 3.65
C TYR B 237 -5.89 13.20 3.94
N GLY B 238 -5.83 12.03 3.32
CA GLY B 238 -4.70 11.15 3.51
C GLY B 238 -3.59 11.51 2.56
N PHE B 239 -2.36 11.47 3.05
CA PHE B 239 -1.25 11.80 2.18
C PHE B 239 -0.52 10.53 1.80
N TYR B 240 -0.06 10.54 0.55
CA TYR B 240 0.59 9.39 -0.08
C TYR B 240 1.96 9.76 -0.66
N THR B 241 2.88 8.81 -0.66
CA THR B 241 4.19 9.04 -1.23
C THR B 241 4.04 8.95 -2.75
N HIS B 242 4.58 9.93 -3.46
CA HIS B 242 4.52 9.99 -4.92
C HIS B 242 5.49 8.98 -5.50
N VAL B 243 5.06 7.74 -5.70
CA VAL B 243 5.96 6.71 -6.20
C VAL B 243 6.79 7.03 -7.44
N PHE B 244 6.16 7.55 -8.50
CA PHE B 244 6.96 7.83 -9.69
C PHE B 244 8.09 8.83 -9.45
N ARG B 245 7.83 9.84 -8.63
CA ARG B 245 8.79 10.88 -8.30
C ARG B 245 10.05 10.32 -7.66
N LEU B 246 9.93 9.14 -7.07
CA LEU B 246 11.05 8.48 -6.42
C LEU B 246 11.47 7.20 -7.13
N LYS B 247 10.96 6.98 -8.34
CA LYS B 247 11.29 5.77 -9.09
C LYS B 247 12.78 5.56 -9.33
N LYS B 248 13.50 6.65 -9.56
CA LYS B 248 14.93 6.58 -9.82
C LYS B 248 15.65 5.89 -8.69
N TRP B 249 15.29 6.23 -7.46
CA TRP B 249 15.92 5.64 -6.29
C TRP B 249 15.56 4.17 -6.18
N ILE B 250 14.37 3.83 -6.64
CA ILE B 250 13.89 2.46 -6.59
C ILE B 250 14.74 1.63 -7.55
N GLN B 251 14.80 2.06 -8.81
CA GLN B 251 15.60 1.35 -9.81
C GLN B 251 17.04 1.23 -9.33
N LYS B 252 17.59 2.36 -8.90
CA LYS B 252 18.96 2.39 -8.39
C LYS B 252 19.19 1.24 -7.40
N VAL B 253 18.44 1.22 -6.30
CA VAL B 253 18.58 0.18 -5.28
C VAL B 253 18.44 -1.22 -5.86
N ILE B 254 17.46 -1.42 -6.73
CA ILE B 254 17.25 -2.73 -7.33
C ILE B 254 18.43 -3.13 -8.24
N ASP B 255 18.78 -2.28 -9.19
CA ASP B 255 19.91 -2.59 -10.07
C ASP B 255 21.20 -2.77 -9.27
N GLN B 256 21.63 -1.75 -8.52
CA GLN B 256 22.86 -1.85 -7.72
C GLN B 256 22.88 -3.09 -6.82
N PHE B 257 21.89 -3.25 -5.96
CA PHE B 257 21.86 -4.41 -5.07
C PHE B 257 21.06 -5.59 -5.63
N GLY C 1 -9.59 -10.13 17.11
CA GLY C 1 -8.79 -10.26 18.32
C GLY C 1 -7.30 -10.37 18.00
N ASP C 2 -6.67 -11.41 18.57
CA ASP C 2 -5.24 -11.69 18.34
C ASP C 2 -5.01 -12.65 17.16
N PHE C 3 -3.75 -12.77 16.79
CA PHE C 3 -3.39 -13.61 15.66
C PHE C 3 -3.24 -15.08 15.94
N GLU C 4 -3.20 -15.88 14.87
CA GLU C 4 -3.07 -17.32 15.03
C GLU C 4 -1.63 -17.78 14.89
N GLU C 5 -1.34 -18.89 15.57
CA GLU C 5 -0.01 -19.50 15.59
C GLU C 5 0.50 -19.79 14.19
N ILE C 6 1.67 -19.27 13.85
CA ILE C 6 2.24 -19.53 12.52
C ILE C 6 3.38 -20.55 12.64
N PRO C 7 3.54 -21.43 11.63
CA PRO C 7 4.62 -22.43 11.68
C PRO C 7 5.96 -21.91 12.16
N GLU C 8 6.51 -22.64 13.13
CA GLU C 8 7.79 -22.37 13.77
C GLU C 8 8.93 -22.17 12.78
N GLU C 9 8.87 -22.88 11.64
CA GLU C 9 9.90 -22.78 10.61
C GLU C 9 10.14 -21.31 10.28
N TYS C 10 9.06 -20.51 10.35
CA TYS C 10 9.12 -19.08 10.03
CB TYS C 10 7.72 -18.55 9.58
CG TYS C 10 7.30 -19.29 8.41
CD1 TYS C 10 6.01 -20.05 8.57
CD2 TYS C 10 8.09 -19.34 7.10
CE1 TYS C 10 5.50 -20.85 7.41
CE2 TYS C 10 7.54 -20.13 5.94
CZ TYS C 10 6.23 -20.89 6.08
OH TYS C 10 5.71 -21.67 5.06
S TYS C 10 4.78 -20.93 4.13
O1 TYS C 10 5.70 -19.90 3.35
O2 TYS C 10 4.16 -21.97 2.96
O3 TYS C 10 3.63 -20.22 5.05
C TYS C 10 9.61 -18.15 11.13
O TYS C 10 10.00 -17.02 10.81
N LEU C 11 9.60 -18.61 12.40
CA LEU C 11 10.07 -17.82 13.53
C LEU C 11 11.54 -17.97 13.94
N GLN C 12 12.36 -18.70 13.15
CA GLN C 12 13.77 -18.87 13.50
C GLN C 12 14.63 -18.32 12.33
C1 NAG D . 18.17 2.26 14.22
C2 NAG D . 19.23 3.08 14.96
C3 NAG D . 20.58 3.11 14.21
C4 NAG D . 21.03 1.63 14.20
C5 NAG D . 19.94 0.86 13.39
C6 NAG D . 20.32 -0.61 13.22
C7 NAG D . 18.45 5.28 14.26
C8 NAG D . 17.87 6.61 14.73
N2 NAG D . 18.72 4.43 15.24
O3 NAG D . 21.57 3.78 14.99
O4 NAG D . 22.38 1.56 13.65
O5 NAG D . 18.70 0.93 14.15
O6 NAG D . 20.31 -1.36 14.48
O7 NAG D . 18.67 5.02 13.06
NA NA E . -1.23 25.09 5.24
NA NA F . -11.21 13.07 5.16
C1 BT2 G . -4.72 8.35 6.83
C2 BT2 G . -5.00 7.76 8.22
C3 BT2 G . -3.92 7.21 9.07
C4 BT2 G . -2.52 7.20 8.61
C5 BT2 G . -2.21 7.69 7.29
C6 BT2 G . -3.28 8.28 6.34
S1 BT2 G . -3.99 6.75 10.67
C8 BT2 G . -2.30 6.49 10.93
C9 BT2 G . -1.61 6.79 9.70
C7 BT2 G . -0.04 6.89 9.61
C10 BT2 G . -1.63 5.96 12.20
C12 BT2 G . -0.51 4.95 12.23
C14 BT2 G . 0.26 4.57 13.50
C16 BT2 G . -0.14 5.24 14.80
C18 BT2 G . -1.25 6.31 14.74
C20 BT2 G . -1.98 6.62 13.46
O2 BT2 G . 0.43 4.80 16.01
C24 BT2 G . -0.34 5.09 17.27
C11 BT2 G . 0.01 9.24 11.03
C13 BT2 G . 0.68 8.15 10.22
C15 BT2 G . 2.20 8.27 10.06
C32 BT2 G . 3.02 9.41 10.72
C19 BT2 G . 2.30 10.44 11.60
C21 BT2 G . 0.79 10.37 11.65
O3 BT2 G . 2.99 11.33 12.44
C25 BT2 G . 2.48 12.70 12.58
C17 BT2 G . 4.09 15.42 9.02
C23 BT2 G . 4.86 14.10 8.91
C26 BT2 G . 4.72 13.33 10.21
N2 BT2 G . 3.74 14.20 11.01
C27 BT2 G . 3.42 15.54 10.41
C22 BT2 G . 2.37 5.76 20.08
N3 BT2 G . 1.46 6.08 18.89
C28 BT2 G . 0.72 7.42 19.02
C29 BT2 G . 0.89 7.73 20.51
C30 BT2 G . 1.76 6.64 21.17
C33 BT2 G . 3.55 13.80 12.44
C34 BT2 G . 0.44 5.00 18.59
#